data_3F0T
#
_entry.id   3F0T
#
_cell.length_a   113.000
_cell.length_b   117.365
_cell.length_c   107.762
_cell.angle_alpha   90.00
_cell.angle_beta   90.00
_cell.angle_gamma   90.00
#
_symmetry.space_group_name_H-M   'C 2 2 21'
#
loop_
_entity.id
_entity.type
_entity.pdbx_description
1 polymer 'Thymidine kinase'
2 non-polymer 'SULFATE ION'
3 non-polymer N-Methyl-6-(1,3-dihydroxy-isobutyl)thymine
4 water water
#
_entity_poly.entity_id   1
_entity_poly.type   'polypeptide(L)'
_entity_poly.pdbx_seq_one_letter_code
;KMPTLLRVYIDGPHGMGKTTTTQLLVALGSRDDIVYVPEPMTYWRVLGASETIANIYTTQHRLDQGEISAGDAAVVMTSA
QITMGMPYAVTDAVLAPHIGGEAGSSHAPPPALTLIFDRHPIAALLCYPAARYLMGSMTPQAVLAFVALIPPTLPGTNIV
LGALPEDRHIDRLAKRQRPGERLDLAMLAAIRRVYGLLANTVRYLQCGGSWREDWGQLSGTAVPPQGAEPQSNAGPRPHI
GDTLFTLFRAPELLAPNGDLYNVFAWALDVLAKRLRSMHVFILDYDQSPAGCRDALLQLTSGMVQTHVTTPGSIPTICDL
ARTFAREMGEAN
;
_entity_poly.pdbx_strand_id   A,B
#
# COMPACT_ATOMS: atom_id res chain seq x y z
N LYS A 1 32.76 -7.56 3.64
CA LYS A 1 31.54 -7.01 2.99
C LYS A 1 30.59 -8.11 2.51
N MET A 2 29.29 -7.88 2.69
CA MET A 2 28.25 -8.83 2.32
C MET A 2 28.24 -9.20 0.84
N PRO A 3 27.72 -10.39 0.50
CA PRO A 3 27.65 -10.83 -0.89
C PRO A 3 26.78 -9.85 -1.70
N THR A 4 26.89 -9.91 -3.02
CA THR A 4 26.13 -9.02 -3.89
C THR A 4 24.90 -9.70 -4.44
N LEU A 5 23.89 -8.90 -4.74
CA LEU A 5 22.64 -9.40 -5.28
C LEU A 5 22.24 -8.61 -6.52
N LEU A 6 21.72 -9.32 -7.51
CA LEU A 6 21.25 -8.70 -8.73
C LEU A 6 19.76 -9.01 -8.86
N ARG A 7 18.93 -7.98 -8.74
CA ARG A 7 17.50 -8.18 -8.88
C ARG A 7 17.06 -7.69 -10.25
N VAL A 8 16.30 -8.52 -10.93
CA VAL A 8 15.81 -8.18 -12.25
C VAL A 8 14.31 -8.38 -12.28
N TYR A 9 13.57 -7.33 -12.57
CA TYR A 9 12.11 -7.43 -12.64
C TYR A 9 11.68 -7.41 -14.08
N ILE A 10 11.23 -8.55 -14.58
CA ILE A 10 10.78 -8.64 -15.96
C ILE A 10 9.35 -8.13 -15.97
N ASP A 11 9.13 -7.00 -16.61
CA ASP A 11 7.80 -6.42 -16.63
C ASP A 11 7.37 -6.03 -18.02
N GLY A 12 6.47 -5.05 -18.09
CA GLY A 12 5.97 -4.61 -19.38
C GLY A 12 4.60 -5.20 -19.66
N PRO A 13 3.99 -4.86 -20.80
CA PRO A 13 2.67 -5.40 -21.13
C PRO A 13 2.74 -6.93 -21.20
N HIS A 14 1.76 -7.61 -20.62
CA HIS A 14 1.75 -9.08 -20.65
C HIS A 14 1.39 -9.56 -22.06
N GLY A 15 1.77 -10.79 -22.39
CA GLY A 15 1.44 -11.35 -23.68
C GLY A 15 2.46 -11.14 -24.79
N MET A 16 3.63 -10.61 -24.46
CA MET A 16 4.66 -10.37 -25.47
C MET A 16 5.55 -11.59 -25.68
N GLY A 17 5.68 -12.41 -24.64
CA GLY A 17 6.53 -13.58 -24.75
C GLY A 17 5.85 -14.84 -25.22
N LYS A 18 6.52 -15.96 -24.95
CA LYS A 18 6.07 -17.29 -25.32
C LYS A 18 6.33 -18.26 -24.17
N THR A 19 5.54 -19.32 -24.11
CA THR A 19 5.68 -20.32 -23.07
C THR A 19 7.11 -20.86 -23.01
N THR A 20 7.72 -21.05 -24.18
CA THR A 20 9.08 -21.56 -24.25
C THR A 20 10.09 -20.54 -23.71
N THR A 21 9.77 -19.26 -23.83
CA THR A 21 10.64 -18.21 -23.35
C THR A 21 10.67 -18.28 -21.82
N THR A 22 9.50 -18.49 -21.23
CA THR A 22 9.38 -18.58 -19.79
C THR A 22 10.07 -19.84 -19.25
N GLN A 23 9.88 -20.97 -19.93
CA GLN A 23 10.52 -22.19 -19.49
C GLN A 23 12.05 -22.04 -19.50
N LEU A 24 12.55 -21.23 -20.42
CA LEU A 24 13.99 -20.99 -20.49
C LEU A 24 14.39 -20.24 -19.22
N LEU A 25 13.51 -19.32 -18.79
CA LEU A 25 13.76 -18.56 -17.57
C LEU A 25 13.72 -19.50 -16.37
N VAL A 26 12.82 -20.47 -16.41
CA VAL A 26 12.71 -21.45 -15.34
C VAL A 26 14.01 -22.25 -15.36
N ALA A 27 14.49 -22.53 -16.57
CA ALA A 27 15.74 -23.28 -16.75
C ALA A 27 16.88 -22.45 -16.19
N LEU A 28 16.83 -21.14 -16.44
CA LEU A 28 17.84 -20.21 -15.94
C LEU A 28 17.98 -20.38 -14.44
N GLY A 29 16.83 -20.40 -13.76
CA GLY A 29 16.82 -20.53 -12.32
C GLY A 29 17.15 -21.91 -11.79
N SER A 30 17.43 -22.86 -12.67
CA SER A 30 17.77 -24.21 -12.25
C SER A 30 19.01 -24.21 -11.37
N ARG A 31 19.98 -23.38 -11.72
CA ARG A 31 21.20 -23.29 -10.93
C ARG A 31 20.92 -22.44 -9.69
N ASP A 32 21.58 -22.78 -8.58
CA ASP A 32 21.37 -22.08 -7.32
C ASP A 32 21.89 -20.66 -7.22
N ASP A 33 22.54 -20.17 -8.26
CA ASP A 33 23.05 -18.79 -8.25
C ASP A 33 22.00 -17.86 -8.88
N ILE A 34 20.92 -18.45 -9.37
CA ILE A 34 19.83 -17.69 -9.99
C ILE A 34 18.50 -18.33 -9.62
N VAL A 35 17.55 -17.50 -9.23
CA VAL A 35 16.22 -17.98 -8.89
C VAL A 35 15.19 -17.18 -9.68
N TYR A 36 14.22 -17.87 -10.25
CA TYR A 36 13.17 -17.23 -11.04
C TYR A 36 11.86 -17.26 -10.28
N VAL A 37 11.37 -16.07 -9.90
CA VAL A 37 10.10 -15.95 -9.18
C VAL A 37 9.02 -15.76 -10.24
N PRO A 38 8.31 -16.84 -10.58
CA PRO A 38 7.25 -16.86 -11.59
C PRO A 38 6.02 -16.04 -11.18
N GLU A 39 5.09 -15.88 -12.11
CA GLU A 39 3.87 -15.13 -11.83
C GLU A 39 3.04 -15.93 -10.84
N PRO A 40 2.51 -15.27 -9.79
CA PRO A 40 1.70 -15.94 -8.77
C PRO A 40 0.27 -16.27 -9.23
N MET A 41 0.15 -16.99 -10.33
CA MET A 41 -1.16 -17.33 -10.86
C MET A 41 -2.05 -18.05 -9.86
N THR A 42 -1.47 -18.94 -9.05
CA THR A 42 -2.27 -19.67 -8.07
C THR A 42 -2.88 -18.72 -7.05
N TYR A 43 -2.15 -17.65 -6.74
CA TYR A 43 -2.69 -16.69 -5.79
C TYR A 43 -3.91 -16.02 -6.41
N TRP A 44 -3.77 -15.60 -7.67
CA TRP A 44 -4.84 -14.91 -8.37
C TRP A 44 -6.07 -15.76 -8.64
N ARG A 45 -5.86 -17.03 -8.96
CA ARG A 45 -6.97 -17.94 -9.28
C ARG A 45 -7.63 -18.59 -8.07
N VAL A 46 -6.86 -18.84 -7.01
CA VAL A 46 -7.42 -19.51 -5.84
C VAL A 46 -7.12 -18.93 -4.44
N LEU A 47 -5.85 -18.76 -4.11
CA LEU A 47 -5.47 -18.27 -2.78
C LEU A 47 -6.04 -16.92 -2.35
N GLY A 48 -5.81 -15.89 -3.16
CA GLY A 48 -6.29 -14.57 -2.79
C GLY A 48 -7.77 -14.35 -3.02
N ALA A 49 -8.29 -14.95 -4.08
CA ALA A 49 -9.70 -14.83 -4.42
C ALA A 49 -9.93 -15.84 -5.53
N SER A 50 -11.18 -15.98 -5.95
CA SER A 50 -11.52 -16.93 -7.00
C SER A 50 -11.48 -16.31 -8.39
N GLU A 51 -10.63 -16.87 -9.24
CA GLU A 51 -10.51 -16.40 -10.62
C GLU A 51 -10.48 -14.87 -10.75
N THR A 52 -9.47 -14.24 -10.16
CA THR A 52 -9.37 -12.78 -10.22
C THR A 52 -9.29 -12.26 -11.65
N ILE A 53 -8.51 -12.93 -12.49
CA ILE A 53 -8.38 -12.47 -13.87
C ILE A 53 -9.74 -12.54 -14.58
N ALA A 54 -10.46 -13.63 -14.38
CA ALA A 54 -11.78 -13.78 -15.01
C ALA A 54 -12.66 -12.62 -14.59
N ASN A 55 -12.64 -12.32 -13.30
CA ASN A 55 -13.45 -11.25 -12.73
C ASN A 55 -13.10 -9.90 -13.35
N ILE A 56 -11.81 -9.64 -13.52
CA ILE A 56 -11.36 -8.39 -14.13
C ILE A 56 -11.91 -8.22 -15.55
N TYR A 57 -11.66 -9.22 -16.40
CA TYR A 57 -12.12 -9.13 -17.78
C TYR A 57 -13.62 -9.19 -17.97
N THR A 58 -14.31 -9.94 -17.12
CA THR A 58 -15.76 -10.02 -17.24
C THR A 58 -16.34 -8.66 -16.88
N THR A 59 -15.78 -8.05 -15.83
CA THR A 59 -16.24 -6.74 -15.39
C THR A 59 -16.09 -5.70 -16.48
N GLN A 60 -14.94 -5.66 -17.15
CA GLN A 60 -14.72 -4.69 -18.21
C GLN A 60 -15.71 -4.96 -19.34
N HIS A 61 -15.83 -6.22 -19.71
CA HIS A 61 -16.74 -6.63 -20.77
C HIS A 61 -18.16 -6.14 -20.48
N ARG A 62 -18.62 -6.35 -19.25
CA ARG A 62 -19.96 -5.94 -18.85
C ARG A 62 -20.10 -4.43 -18.86
N LEU A 63 -19.00 -3.72 -18.58
CA LEU A 63 -19.04 -2.27 -18.59
C LEU A 63 -19.17 -1.80 -20.03
N ASP A 64 -18.41 -2.43 -20.91
CA ASP A 64 -18.43 -2.09 -22.33
C ASP A 64 -19.83 -2.34 -22.91
N GLN A 65 -20.48 -3.41 -22.46
CA GLN A 65 -21.82 -3.75 -22.94
C GLN A 65 -22.88 -2.89 -22.27
N GLY A 66 -22.47 -2.13 -21.25
CA GLY A 66 -23.41 -1.27 -20.56
C GLY A 66 -24.26 -2.00 -19.53
N GLU A 67 -23.82 -3.19 -19.14
CA GLU A 67 -24.54 -3.99 -18.16
C GLU A 67 -24.33 -3.46 -16.73
N ILE A 68 -23.22 -2.75 -16.53
CA ILE A 68 -22.92 -2.17 -15.22
C ILE A 68 -22.39 -0.75 -15.41
N SER A 69 -22.47 0.05 -14.35
CA SER A 69 -22.00 1.43 -14.42
C SER A 69 -20.49 1.52 -14.25
N ALA A 70 -19.95 2.69 -14.54
CA ALA A 70 -18.52 2.92 -14.42
C ALA A 70 -18.13 2.79 -12.94
N GLY A 71 -19.04 3.23 -12.07
CA GLY A 71 -18.80 3.14 -10.64
C GLY A 71 -18.69 1.72 -10.15
N ASP A 72 -19.62 0.86 -10.59
CA ASP A 72 -19.61 -0.55 -10.20
C ASP A 72 -18.34 -1.21 -10.70
N ALA A 73 -17.95 -0.85 -11.92
CA ALA A 73 -16.75 -1.41 -12.52
C ALA A 73 -15.52 -1.02 -11.72
N ALA A 74 -15.41 0.27 -11.40
CA ALA A 74 -14.27 0.80 -10.65
C ALA A 74 -14.08 0.11 -9.29
N VAL A 75 -15.19 -0.16 -8.60
CA VAL A 75 -15.13 -0.82 -7.31
C VAL A 75 -14.55 -2.21 -7.47
N VAL A 76 -14.98 -2.91 -8.52
CA VAL A 76 -14.50 -4.26 -8.79
C VAL A 76 -13.02 -4.24 -9.20
N MET A 77 -12.69 -3.35 -10.13
CA MET A 77 -11.32 -3.24 -10.63
C MET A 77 -10.32 -2.91 -9.52
N THR A 78 -10.70 -1.99 -8.66
CA THR A 78 -9.84 -1.56 -7.57
C THR A 78 -9.58 -2.74 -6.63
N SER A 79 -10.66 -3.42 -6.21
CA SER A 79 -10.53 -4.58 -5.32
C SER A 79 -9.69 -5.67 -5.96
N ALA A 80 -9.94 -5.92 -7.25
CA ALA A 80 -9.20 -6.95 -7.97
C ALA A 80 -7.71 -6.64 -8.07
N GLN A 81 -7.36 -5.36 -8.22
CA GLN A 81 -5.96 -4.99 -8.33
C GLN A 81 -5.22 -5.18 -7.02
N ILE A 82 -5.94 -5.07 -5.91
CA ILE A 82 -5.33 -5.27 -4.61
C ILE A 82 -4.94 -6.75 -4.52
N THR A 83 -5.82 -7.62 -5.00
CA THR A 83 -5.55 -9.05 -5.00
C THR A 83 -4.39 -9.37 -5.93
N MET A 84 -4.42 -8.79 -7.13
CA MET A 84 -3.38 -9.02 -8.12
C MET A 84 -1.99 -8.64 -7.60
N GLY A 85 -1.90 -7.49 -6.95
CA GLY A 85 -0.61 -7.02 -6.47
C GLY A 85 -0.09 -7.54 -5.15
N MET A 86 -0.97 -8.16 -4.36
CA MET A 86 -0.57 -8.67 -3.05
C MET A 86 0.72 -9.50 -3.04
N PRO A 87 0.87 -10.46 -3.97
CA PRO A 87 2.11 -11.26 -3.94
C PRO A 87 3.36 -10.41 -4.17
N TYR A 88 3.25 -9.40 -5.02
CA TYR A 88 4.40 -8.53 -5.31
C TYR A 88 4.71 -7.65 -4.11
N ALA A 89 3.65 -7.10 -3.51
CA ALA A 89 3.81 -6.20 -2.38
C ALA A 89 4.36 -6.93 -1.16
N VAL A 90 3.89 -8.13 -0.90
CA VAL A 90 4.38 -8.87 0.25
C VAL A 90 5.85 -9.28 0.02
N THR A 91 6.16 -9.67 -1.21
CA THR A 91 7.51 -10.07 -1.57
C THR A 91 8.47 -8.90 -1.37
N ASP A 92 8.09 -7.73 -1.85
CA ASP A 92 8.93 -6.54 -1.70
C ASP A 92 9.11 -6.19 -0.23
N ALA A 93 8.03 -6.27 0.55
CA ALA A 93 8.08 -5.92 1.96
C ALA A 93 9.05 -6.78 2.76
N VAL A 94 9.09 -8.08 2.48
CA VAL A 94 9.99 -8.98 3.21
C VAL A 94 11.42 -8.93 2.68
N LEU A 95 11.56 -8.66 1.39
CA LEU A 95 12.89 -8.60 0.78
C LEU A 95 13.62 -7.29 1.11
N ALA A 96 12.88 -6.19 1.13
CA ALA A 96 13.44 -4.86 1.38
C ALA A 96 14.52 -4.75 2.46
N PRO A 97 14.28 -5.32 3.65
CA PRO A 97 15.28 -5.25 4.72
C PRO A 97 16.61 -5.92 4.38
N HIS A 98 16.60 -6.78 3.37
CA HIS A 98 17.81 -7.50 2.98
C HIS A 98 18.66 -6.77 1.95
N ILE A 99 18.12 -5.70 1.38
CA ILE A 99 18.82 -4.95 0.35
C ILE A 99 19.69 -3.83 0.92
N GLY A 100 20.97 -3.87 0.59
CA GLY A 100 21.88 -2.83 1.07
C GLY A 100 22.14 -1.83 -0.02
N GLY A 101 23.27 -1.12 0.06
CA GLY A 101 23.59 -0.14 -0.95
C GLY A 101 24.15 -0.73 -2.23
N GLU A 102 24.29 0.10 -3.25
CA GLU A 102 24.82 -0.34 -4.54
C GLU A 102 26.20 -0.92 -4.33
N ALA A 103 26.54 -1.90 -5.18
CA ALA A 103 27.84 -2.55 -5.10
C ALA A 103 28.77 -1.97 -6.16
N PRO A 109 32.84 -8.38 -10.50
CA PRO A 109 32.91 -9.79 -10.12
C PRO A 109 31.74 -10.54 -10.71
N PRO A 110 31.00 -11.23 -9.85
CA PRO A 110 29.81 -11.96 -10.27
C PRO A 110 28.82 -12.01 -9.08
N PRO A 111 27.56 -11.52 -9.26
CA PRO A 111 26.65 -11.59 -8.11
C PRO A 111 26.54 -12.97 -7.41
N ALA A 112 26.55 -13.00 -6.07
CA ALA A 112 26.41 -14.27 -5.33
C ALA A 112 25.06 -14.86 -5.68
N LEU A 113 24.12 -13.97 -6.01
CA LEU A 113 22.77 -14.37 -6.35
C LEU A 113 22.06 -13.39 -7.29
N THR A 114 21.27 -13.96 -8.19
CA THR A 114 20.49 -13.19 -9.14
C THR A 114 19.04 -13.62 -8.99
N LEU A 115 18.18 -12.66 -8.69
CA LEU A 115 16.75 -12.93 -8.53
C LEU A 115 16.05 -12.34 -9.72
N ILE A 116 15.37 -13.18 -10.49
CA ILE A 116 14.64 -12.70 -11.65
C ILE A 116 13.16 -12.83 -11.29
N PHE A 117 12.48 -11.69 -11.19
CA PHE A 117 11.06 -11.69 -10.84
C PHE A 117 10.16 -11.54 -12.05
N ASP A 118 9.01 -12.19 -11.95
CA ASP A 118 7.98 -12.01 -12.95
C ASP A 118 7.20 -10.82 -12.46
N ARG A 119 7.54 -9.64 -12.95
CA ARG A 119 6.90 -8.37 -12.58
C ARG A 119 7.32 -7.71 -11.28
N HIS A 120 7.16 -6.38 -11.28
CA HIS A 120 7.51 -5.51 -10.18
C HIS A 120 6.18 -5.01 -9.59
N PRO A 121 6.17 -4.53 -8.34
CA PRO A 121 4.93 -4.03 -7.75
C PRO A 121 4.23 -2.93 -8.54
N ILE A 122 4.98 -2.11 -9.27
CA ILE A 122 4.32 -1.05 -10.02
C ILE A 122 3.37 -1.61 -11.08
N ALA A 123 3.55 -2.87 -11.48
CA ALA A 123 2.66 -3.43 -12.49
C ALA A 123 1.22 -3.39 -11.96
N ALA A 124 1.05 -3.81 -10.72
CA ALA A 124 -0.27 -3.86 -10.10
C ALA A 124 -0.68 -2.59 -9.38
N LEU A 125 0.30 -1.78 -8.99
CA LEU A 125 0.03 -0.54 -8.25
C LEU A 125 0.07 0.72 -9.09
N LEU A 126 0.42 0.60 -10.36
CA LEU A 126 0.49 1.76 -11.23
C LEU A 126 0.03 1.48 -12.65
N CYS A 127 0.74 0.58 -13.32
CA CYS A 127 0.50 0.30 -14.75
C CYS A 127 -0.88 -0.29 -15.08
N TYR A 128 -1.26 -1.43 -14.54
CA TYR A 128 -2.58 -1.94 -14.89
C TYR A 128 -3.66 -1.01 -14.37
N PRO A 129 -3.49 -0.45 -13.17
CA PRO A 129 -4.54 0.47 -12.70
C PRO A 129 -4.69 1.66 -13.66
N ALA A 130 -3.57 2.18 -14.14
CA ALA A 130 -3.60 3.32 -15.06
C ALA A 130 -4.27 2.93 -16.39
N ALA A 131 -4.02 1.72 -16.83
CA ALA A 131 -4.60 1.21 -18.06
C ALA A 131 -6.12 1.10 -17.87
N ARG A 132 -6.55 0.59 -16.73
CA ARG A 132 -7.99 0.47 -16.48
C ARG A 132 -8.62 1.86 -16.41
N TYR A 133 -7.86 2.83 -15.89
CA TYR A 133 -8.36 4.20 -15.83
C TYR A 133 -8.64 4.60 -17.28
N LEU A 134 -7.70 4.30 -18.17
CA LEU A 134 -7.85 4.63 -19.59
C LEU A 134 -8.99 3.84 -20.23
N MET A 135 -9.39 2.74 -19.59
CA MET A 135 -10.49 1.92 -20.08
C MET A 135 -11.79 2.35 -19.43
N GLY A 136 -11.73 3.43 -18.64
CA GLY A 136 -12.90 3.93 -17.97
C GLY A 136 -13.41 3.05 -16.85
N SER A 137 -12.60 2.09 -16.42
CA SER A 137 -13.00 1.17 -15.36
C SER A 137 -12.33 1.41 -14.02
N MET A 138 -11.60 2.52 -13.90
CA MET A 138 -10.97 2.85 -12.62
C MET A 138 -10.86 4.36 -12.49
N THR A 139 -11.12 4.87 -11.30
CA THR A 139 -11.05 6.30 -11.07
C THR A 139 -9.59 6.71 -10.97
N PRO A 140 -9.26 7.94 -11.36
CA PRO A 140 -7.86 8.37 -11.27
C PRO A 140 -7.44 8.54 -9.80
N GLN A 141 -8.41 8.76 -8.91
CA GLN A 141 -8.09 8.93 -7.49
C GLN A 141 -7.59 7.59 -6.94
N ALA A 142 -8.21 6.50 -7.38
CA ALA A 142 -7.80 5.16 -6.94
C ALA A 142 -6.37 4.87 -7.43
N VAL A 143 -6.10 5.24 -8.68
CA VAL A 143 -4.77 5.01 -9.24
C VAL A 143 -3.74 5.73 -8.39
N LEU A 144 -4.02 6.98 -8.06
CA LEU A 144 -3.09 7.75 -7.24
C LEU A 144 -2.99 7.19 -5.82
N ALA A 145 -4.04 6.52 -5.35
CA ALA A 145 -4.00 5.92 -4.02
C ALA A 145 -3.02 4.74 -4.09
N PHE A 146 -3.10 3.96 -5.17
CA PHE A 146 -2.18 2.84 -5.34
C PHE A 146 -0.76 3.37 -5.47
N VAL A 147 -0.60 4.45 -6.23
CA VAL A 147 0.72 5.06 -6.42
C VAL A 147 1.30 5.45 -5.06
N ALA A 148 0.48 6.07 -4.23
CA ALA A 148 0.92 6.49 -2.91
C ALA A 148 1.42 5.33 -2.08
N LEU A 149 1.04 4.11 -2.45
CA LEU A 149 1.47 2.92 -1.72
C LEU A 149 2.62 2.16 -2.37
N ILE A 150 3.12 2.65 -3.49
CA ILE A 150 4.24 2.00 -4.15
C ILE A 150 5.40 1.99 -3.15
N PRO A 151 6.00 0.81 -2.92
CA PRO A 151 7.12 0.73 -1.96
C PRO A 151 8.28 1.60 -2.39
N PRO A 152 9.04 2.13 -1.42
CA PRO A 152 10.19 2.99 -1.75
C PRO A 152 11.11 2.23 -2.71
N THR A 153 11.68 2.94 -3.67
CA THR A 153 12.56 2.31 -4.63
C THR A 153 13.94 2.12 -4.03
N LEU A 154 14.32 0.85 -3.87
CA LEU A 154 15.61 0.50 -3.30
C LEU A 154 16.68 0.48 -4.38
N PRO A 155 17.95 0.57 -3.98
CA PRO A 155 19.01 0.55 -5.00
C PRO A 155 18.96 -0.77 -5.75
N GLY A 156 19.42 -0.76 -6.99
CA GLY A 156 19.43 -1.98 -7.79
C GLY A 156 18.07 -2.42 -8.30
N THR A 157 17.14 -1.49 -8.45
CA THR A 157 15.82 -1.88 -8.97
C THR A 157 15.91 -1.85 -10.49
N ASN A 158 16.25 -3.00 -11.08
CA ASN A 158 16.40 -3.14 -12.53
C ASN A 158 15.11 -3.69 -13.10
N ILE A 159 14.44 -2.86 -13.90
CA ILE A 159 13.18 -3.27 -14.50
C ILE A 159 13.34 -3.38 -16.01
N VAL A 160 13.00 -4.56 -16.53
CA VAL A 160 13.06 -4.83 -17.95
C VAL A 160 11.66 -4.68 -18.53
N LEU A 161 11.53 -3.84 -19.56
CA LEU A 161 10.24 -3.63 -20.20
C LEU A 161 10.29 -4.19 -21.62
N GLY A 162 9.24 -4.89 -22.02
CA GLY A 162 9.20 -5.48 -23.33
C GLY A 162 8.83 -4.53 -24.46
N ALA A 163 9.46 -4.75 -25.61
CA ALA A 163 9.22 -3.96 -26.81
C ALA A 163 8.77 -4.96 -27.87
N LEU A 164 7.68 -4.65 -28.56
CA LEU A 164 7.15 -5.54 -29.59
C LEU A 164 6.12 -4.79 -30.42
N PRO A 165 6.19 -4.92 -31.76
CA PRO A 165 5.21 -4.23 -32.60
C PRO A 165 3.82 -4.69 -32.18
N GLU A 166 2.86 -3.79 -32.21
CA GLU A 166 1.49 -4.08 -31.79
C GLU A 166 0.83 -5.29 -32.46
N ASP A 167 1.04 -5.44 -33.77
CA ASP A 167 0.42 -6.55 -34.49
C ASP A 167 0.99 -7.89 -34.02
N ARG A 168 2.30 -7.93 -33.82
CA ARG A 168 2.99 -9.12 -33.35
C ARG A 168 2.55 -9.41 -31.92
N HIS A 169 2.31 -8.35 -31.15
CA HIS A 169 1.88 -8.50 -29.76
C HIS A 169 0.48 -9.13 -29.75
N ILE A 170 -0.39 -8.68 -30.64
CA ILE A 170 -1.74 -9.23 -30.72
C ILE A 170 -1.65 -10.72 -31.06
N ASP A 171 -0.76 -11.07 -31.98
CA ASP A 171 -0.55 -12.45 -32.39
C ASP A 171 -0.20 -13.35 -31.21
N ARG A 172 0.79 -12.92 -30.42
CA ARG A 172 1.23 -13.70 -29.28
C ARG A 172 0.21 -13.74 -28.16
N LEU A 173 -0.42 -12.60 -27.91
CA LEU A 173 -1.42 -12.52 -26.86
C LEU A 173 -2.57 -13.47 -27.18
N ALA A 174 -2.95 -13.50 -28.46
CA ALA A 174 -4.04 -14.35 -28.92
C ALA A 174 -3.75 -15.83 -28.64
N LYS A 175 -2.50 -16.24 -28.84
CA LYS A 175 -2.10 -17.63 -28.64
C LYS A 175 -1.81 -18.01 -27.19
N ARG A 176 -1.70 -17.04 -26.29
CA ARG A 176 -1.42 -17.36 -24.91
C ARG A 176 -2.29 -16.59 -23.91
N GLN A 177 -3.60 -16.77 -24.02
CA GLN A 177 -4.54 -16.12 -23.14
C GLN A 177 -4.53 -16.82 -21.78
N ARG A 178 -4.60 -16.04 -20.71
CA ARG A 178 -4.60 -16.62 -19.39
C ARG A 178 -6.03 -16.97 -18.96
N PRO A 179 -6.19 -17.81 -17.93
CA PRO A 179 -7.53 -18.20 -17.46
C PRO A 179 -8.46 -17.04 -17.15
N GLY A 180 -9.59 -16.98 -17.86
CA GLY A 180 -10.55 -15.92 -17.64
C GLY A 180 -10.30 -14.67 -18.46
N GLU A 181 -9.14 -14.60 -19.10
CA GLU A 181 -8.79 -13.44 -19.91
C GLU A 181 -9.61 -13.37 -21.19
N ARG A 182 -9.90 -12.15 -21.64
CA ARG A 182 -10.63 -11.95 -22.88
C ARG A 182 -9.77 -11.05 -23.75
N LEU A 183 -9.63 -11.42 -25.02
CA LEU A 183 -8.81 -10.65 -25.95
C LEU A 183 -9.47 -9.29 -26.17
N ASP A 184 -8.94 -8.27 -25.51
CA ASP A 184 -9.47 -6.91 -25.61
C ASP A 184 -8.41 -6.01 -26.23
N LEU A 185 -8.62 -5.62 -27.49
CA LEU A 185 -7.66 -4.78 -28.19
C LEU A 185 -7.55 -3.37 -27.59
N ALA A 186 -8.64 -2.91 -26.98
CA ALA A 186 -8.65 -1.59 -26.36
C ALA A 186 -7.75 -1.66 -25.13
N MET A 187 -7.86 -2.74 -24.36
CA MET A 187 -7.03 -2.90 -23.18
C MET A 187 -5.57 -3.06 -23.60
N LEU A 188 -5.34 -3.78 -24.69
CA LEU A 188 -3.97 -3.98 -25.16
C LEU A 188 -3.35 -2.62 -25.49
N ALA A 189 -4.12 -1.78 -26.16
CA ALA A 189 -3.65 -0.46 -26.54
C ALA A 189 -3.37 0.37 -25.28
N ALA A 190 -4.27 0.27 -24.31
CA ALA A 190 -4.12 1.01 -23.06
C ALA A 190 -2.89 0.60 -22.27
N ILE A 191 -2.69 -0.70 -22.08
CA ILE A 191 -1.55 -1.14 -21.31
C ILE A 191 -0.25 -0.88 -22.07
N ARG A 192 -0.27 -1.01 -23.40
CA ARG A 192 0.93 -0.73 -24.18
C ARG A 192 1.29 0.76 -24.04
N ARG A 193 0.29 1.63 -24.09
CA ARG A 193 0.53 3.07 -23.96
C ARG A 193 1.09 3.40 -22.58
N VAL A 194 0.46 2.87 -21.53
CA VAL A 194 0.93 3.12 -20.17
C VAL A 194 2.41 2.76 -20.01
N TYR A 195 2.81 1.59 -20.50
CA TYR A 195 4.21 1.18 -20.37
C TYR A 195 5.13 2.05 -21.23
N GLY A 196 4.61 2.53 -22.35
CA GLY A 196 5.39 3.41 -23.20
C GLY A 196 5.61 4.70 -22.42
N LEU A 197 4.54 5.21 -21.82
CA LEU A 197 4.61 6.43 -21.02
C LEU A 197 5.52 6.24 -19.80
N LEU A 198 5.49 5.05 -19.20
CA LEU A 198 6.32 4.76 -18.03
C LEU A 198 7.79 4.88 -18.39
N ALA A 199 8.19 4.28 -19.51
CA ALA A 199 9.57 4.33 -19.96
C ALA A 199 9.98 5.79 -20.17
N ASN A 200 9.11 6.55 -20.83
CA ASN A 200 9.38 7.96 -21.09
C ASN A 200 9.46 8.75 -19.81
N THR A 201 8.63 8.39 -18.84
CA THR A 201 8.59 9.07 -17.57
C THR A 201 9.90 8.93 -16.80
N VAL A 202 10.43 7.72 -16.76
CA VAL A 202 11.67 7.47 -16.05
C VAL A 202 12.78 8.33 -16.68
N ARG A 203 12.83 8.36 -18.00
CA ARG A 203 13.84 9.14 -18.72
C ARG A 203 13.64 10.64 -18.45
N TYR A 204 12.39 11.06 -18.50
CA TYR A 204 12.04 12.45 -18.23
C TYR A 204 12.59 12.84 -16.86
N LEU A 205 12.30 12.02 -15.86
CA LEU A 205 12.75 12.28 -14.51
C LEU A 205 14.28 12.21 -14.36
N GLN A 206 14.90 11.22 -14.98
CA GLN A 206 16.35 11.07 -14.86
C GLN A 206 17.10 12.22 -15.51
N CYS A 207 16.48 12.83 -16.51
CA CYS A 207 17.10 13.97 -17.19
C CYS A 207 16.76 15.29 -16.49
N GLY A 208 16.25 15.20 -15.27
CA GLY A 208 15.95 16.39 -14.50
C GLY A 208 14.58 17.02 -14.65
N GLY A 209 13.67 16.33 -15.32
CA GLY A 209 12.33 16.86 -15.49
C GLY A 209 11.59 17.08 -14.19
N SER A 210 10.91 18.22 -14.09
CA SER A 210 10.13 18.56 -12.91
C SER A 210 8.68 18.67 -13.35
N TRP A 211 7.85 17.70 -12.98
CA TRP A 211 6.47 17.74 -13.40
C TRP A 211 5.76 19.03 -13.00
N ARG A 212 6.05 19.54 -11.82
CA ARG A 212 5.42 20.78 -11.37
C ARG A 212 5.77 21.96 -12.26
N GLU A 213 7.00 21.99 -12.76
CA GLU A 213 7.43 23.08 -13.64
C GLU A 213 6.84 22.97 -15.04
N ASP A 214 6.66 21.74 -15.52
CA ASP A 214 6.12 21.52 -16.86
C ASP A 214 4.62 21.29 -16.92
N TRP A 215 3.97 21.22 -15.77
CA TRP A 215 2.54 20.98 -15.73
C TRP A 215 1.77 21.89 -16.68
N GLY A 216 2.07 23.18 -16.62
CA GLY A 216 1.39 24.14 -17.49
C GLY A 216 1.44 23.79 -18.96
N GLN A 217 2.39 22.95 -19.36
CA GLN A 217 2.51 22.56 -20.76
C GLN A 217 1.43 21.57 -21.22
N LEU A 218 0.85 20.84 -20.28
CA LEU A 218 -0.18 19.88 -20.62
C LEU A 218 -1.46 20.57 -21.06
N SER A 219 -1.53 21.86 -20.79
CA SER A 219 -2.70 22.66 -21.14
C SER A 219 -2.30 23.88 -21.98
N GLY A 220 -1.08 23.85 -22.50
CA GLY A 220 -0.60 24.96 -23.31
C GLY A 220 -0.14 24.53 -24.69
N PRO A 236 17.80 17.64 -22.51
CA PRO A 236 16.96 16.96 -23.50
C PRO A 236 16.15 15.83 -22.85
N ARG A 237 14.84 15.98 -22.83
CA ARG A 237 13.99 14.97 -22.21
C ARG A 237 12.63 14.95 -22.89
N PRO A 238 11.88 13.85 -22.72
CA PRO A 238 10.55 13.76 -23.32
C PRO A 238 9.69 14.94 -22.93
N HIS A 239 8.66 15.23 -23.72
CA HIS A 239 7.73 16.30 -23.40
C HIS A 239 6.85 15.67 -22.32
N ILE A 240 6.42 16.45 -21.35
CA ILE A 240 5.61 15.93 -20.26
C ILE A 240 4.34 15.28 -20.78
N GLY A 241 3.89 15.72 -21.95
CA GLY A 241 2.70 15.15 -22.56
C GLY A 241 2.93 13.71 -22.96
N ASP A 242 4.19 13.30 -23.00
CA ASP A 242 4.52 11.93 -23.35
C ASP A 242 4.97 11.11 -22.15
N THR A 243 4.56 11.53 -20.95
CA THR A 243 4.91 10.83 -19.73
C THR A 243 3.61 10.49 -19.00
N LEU A 244 3.70 9.70 -17.94
CA LEU A 244 2.51 9.31 -17.16
C LEU A 244 1.80 10.50 -16.54
N PHE A 245 2.52 11.60 -16.35
CA PHE A 245 1.93 12.79 -15.75
C PHE A 245 0.75 13.33 -16.54
N THR A 246 0.75 13.13 -17.85
CA THR A 246 -0.34 13.60 -18.69
C THR A 246 -1.65 12.90 -18.34
N LEU A 247 -1.58 11.69 -17.81
CA LEU A 247 -2.78 10.94 -17.46
C LEU A 247 -3.50 11.53 -16.25
N PHE A 248 -2.76 12.27 -15.43
CA PHE A 248 -3.32 12.85 -14.23
C PHE A 248 -3.82 14.27 -14.35
N ARG A 249 -4.07 14.68 -15.58
CA ARG A 249 -4.63 15.99 -15.84
C ARG A 249 -6.15 15.72 -15.85
N ALA A 250 -6.52 14.55 -15.34
CA ALA A 250 -7.92 14.12 -15.25
C ALA A 250 -8.74 15.12 -14.45
N PRO A 251 -9.90 15.54 -15.00
CA PRO A 251 -10.77 16.51 -14.33
C PRO A 251 -11.16 16.18 -12.88
N GLU A 252 -11.27 14.90 -12.55
CA GLU A 252 -11.65 14.50 -11.20
C GLU A 252 -10.60 14.91 -10.18
N LEU A 253 -9.36 15.11 -10.63
CA LEU A 253 -8.28 15.48 -9.74
C LEU A 253 -8.07 16.98 -9.62
N LEU A 254 -8.86 17.74 -10.36
CA LEU A 254 -8.71 19.20 -10.35
C LEU A 254 -9.80 19.97 -9.64
N ALA A 255 -9.39 21.08 -9.03
CA ALA A 255 -10.33 21.96 -8.34
C ALA A 255 -11.08 22.77 -9.38
N PRO A 256 -12.13 23.51 -8.97
CA PRO A 256 -12.92 24.33 -9.90
C PRO A 256 -12.08 25.26 -10.76
N ASN A 257 -10.96 25.77 -10.22
CA ASN A 257 -10.10 26.67 -10.99
C ASN A 257 -9.08 25.94 -11.85
N GLY A 258 -9.21 24.62 -11.93
CA GLY A 258 -8.29 23.86 -12.75
C GLY A 258 -7.03 23.39 -12.07
N ASP A 259 -6.73 23.90 -10.88
CA ASP A 259 -5.53 23.48 -10.16
C ASP A 259 -5.68 22.06 -9.66
N LEU A 260 -4.58 21.34 -9.65
CA LEU A 260 -4.57 19.98 -9.15
C LEU A 260 -4.64 20.05 -7.62
N TYR A 261 -5.52 19.26 -7.01
CA TYR A 261 -5.60 19.27 -5.56
C TYR A 261 -4.24 18.85 -5.02
N ASN A 262 -3.86 19.42 -3.90
CA ASN A 262 -2.56 19.12 -3.30
C ASN A 262 -2.34 17.66 -2.97
N VAL A 263 -3.37 16.98 -2.49
CA VAL A 263 -3.24 15.58 -2.14
C VAL A 263 -2.81 14.76 -3.37
N PHE A 264 -3.32 15.13 -4.54
CA PHE A 264 -2.96 14.42 -5.77
C PHE A 264 -1.59 14.85 -6.27
N ALA A 265 -1.24 16.11 -6.03
CA ALA A 265 0.06 16.64 -6.43
C ALA A 265 1.12 15.90 -5.62
N TRP A 266 0.83 15.66 -4.34
CA TRP A 266 1.78 14.95 -3.50
C TRP A 266 1.95 13.53 -4.01
N ALA A 267 0.85 12.91 -4.45
CA ALA A 267 0.92 11.56 -4.98
C ALA A 267 1.82 11.54 -6.23
N LEU A 268 1.77 12.62 -7.02
CA LEU A 268 2.62 12.71 -8.20
C LEU A 268 4.07 12.92 -7.77
N ASP A 269 4.27 13.60 -6.65
CA ASP A 269 5.62 13.80 -6.14
C ASP A 269 6.15 12.41 -5.76
N VAL A 270 5.28 11.58 -5.18
CA VAL A 270 5.70 10.23 -4.80
C VAL A 270 6.05 9.45 -6.05
N LEU A 271 5.20 9.54 -7.06
CA LEU A 271 5.44 8.83 -8.31
C LEU A 271 6.82 9.21 -8.87
N ALA A 272 7.10 10.51 -8.91
CA ALA A 272 8.38 10.99 -9.42
C ALA A 272 9.53 10.39 -8.64
N LYS A 273 9.39 10.35 -7.32
CA LYS A 273 10.40 9.81 -6.42
C LYS A 273 10.67 8.32 -6.69
N ARG A 274 9.60 7.53 -6.76
CA ARG A 274 9.72 6.10 -7.02
C ARG A 274 10.29 5.76 -8.39
N LEU A 275 9.87 6.48 -9.42
CA LEU A 275 10.30 6.18 -10.78
C LEU A 275 11.68 6.66 -11.17
N ARG A 276 12.09 7.80 -10.63
CA ARG A 276 13.38 8.33 -11.02
C ARG A 276 14.56 7.39 -10.79
N SER A 277 14.57 6.70 -9.64
CA SER A 277 15.68 5.80 -9.32
C SER A 277 15.61 4.40 -9.91
N MET A 278 14.61 4.15 -10.75
CA MET A 278 14.50 2.85 -11.38
C MET A 278 15.42 2.77 -12.60
N HIS A 279 15.98 1.60 -12.85
CA HIS A 279 16.86 1.40 -14.00
C HIS A 279 16.07 0.57 -15.00
N VAL A 280 15.67 1.22 -16.08
CA VAL A 280 14.88 0.59 -17.12
C VAL A 280 15.74 0.03 -18.23
N PHE A 281 15.37 -1.17 -18.68
CA PHE A 281 16.06 -1.84 -19.76
C PHE A 281 14.97 -2.35 -20.67
N ILE A 282 15.12 -2.14 -21.97
CA ILE A 282 14.13 -2.58 -22.94
C ILE A 282 14.56 -3.87 -23.61
N LEU A 283 13.67 -4.85 -23.57
CA LEU A 283 13.92 -6.16 -24.16
C LEU A 283 13.03 -6.31 -25.39
N ASP A 284 13.67 -6.51 -26.54
CA ASP A 284 12.94 -6.71 -27.77
C ASP A 284 12.40 -8.13 -27.81
N TYR A 285 11.09 -8.29 -27.80
CA TYR A 285 10.49 -9.62 -27.83
C TYR A 285 10.22 -10.13 -29.24
N ASP A 286 10.49 -9.27 -30.23
CA ASP A 286 10.27 -9.61 -31.62
C ASP A 286 11.38 -10.53 -32.12
N GLN A 287 11.49 -11.69 -31.47
CA GLN A 287 12.49 -12.69 -31.82
C GLN A 287 12.16 -14.03 -31.15
N SER A 288 12.98 -15.04 -31.39
CA SER A 288 12.77 -16.36 -30.83
C SER A 288 12.97 -16.39 -29.31
N PRO A 289 12.40 -17.39 -28.63
CA PRO A 289 12.50 -17.56 -27.18
C PRO A 289 13.96 -17.59 -26.73
N ALA A 290 14.80 -18.22 -27.55
CA ALA A 290 16.22 -18.33 -27.24
C ALA A 290 16.83 -16.95 -27.42
N GLY A 291 16.33 -16.21 -28.41
CA GLY A 291 16.83 -14.88 -28.66
C GLY A 291 16.48 -13.95 -27.52
N CYS A 292 15.25 -14.04 -27.02
CA CYS A 292 14.81 -13.22 -25.91
C CYS A 292 15.60 -13.53 -24.65
N ARG A 293 15.87 -14.82 -24.44
CA ARG A 293 16.63 -15.26 -23.27
C ARG A 293 18.05 -14.72 -23.35
N ASP A 294 18.63 -14.73 -24.55
CA ASP A 294 19.98 -14.23 -24.73
C ASP A 294 19.99 -12.72 -24.55
N ALA A 295 18.98 -12.06 -25.10
CA ALA A 295 18.87 -10.61 -25.00
C ALA A 295 18.80 -10.19 -23.54
N LEU A 296 18.07 -10.95 -22.73
CA LEU A 296 17.96 -10.64 -21.31
C LEU A 296 19.34 -10.70 -20.65
N LEU A 297 20.07 -11.77 -20.95
CA LEU A 297 21.41 -11.95 -20.38
C LEU A 297 22.32 -10.82 -20.85
N GLN A 298 22.11 -10.37 -22.08
CA GLN A 298 22.91 -9.28 -22.63
C GLN A 298 22.66 -8.00 -21.83
N LEU A 299 21.41 -7.81 -21.43
CA LEU A 299 21.01 -6.62 -20.68
C LEU A 299 21.55 -6.59 -19.25
N THR A 300 21.84 -7.75 -18.68
CA THR A 300 22.33 -7.80 -17.31
C THR A 300 23.64 -7.09 -17.06
N SER A 301 24.48 -6.96 -18.10
CA SER A 301 25.78 -6.31 -17.93
C SER A 301 25.66 -4.87 -17.43
N GLY A 302 24.61 -4.18 -17.86
CA GLY A 302 24.43 -2.80 -17.44
C GLY A 302 23.50 -2.64 -16.23
N MET A 303 23.08 -3.75 -15.64
CA MET A 303 22.19 -3.68 -14.48
C MET A 303 22.94 -3.40 -13.20
N VAL A 304 22.26 -2.79 -12.25
CA VAL A 304 22.87 -2.42 -10.97
C VAL A 304 22.71 -3.49 -9.90
N GLN A 305 23.83 -3.86 -9.31
CA GLN A 305 23.85 -4.86 -8.25
C GLN A 305 23.95 -4.16 -6.92
N THR A 306 23.57 -4.85 -5.86
CA THR A 306 23.63 -4.28 -4.52
C THR A 306 24.21 -5.30 -3.56
N HIS A 307 24.58 -4.84 -2.38
CA HIS A 307 25.08 -5.73 -1.34
C HIS A 307 23.83 -6.10 -0.55
N VAL A 308 23.86 -7.20 0.17
CA VAL A 308 22.72 -7.58 1.00
C VAL A 308 23.07 -7.03 2.37
N THR A 309 22.13 -7.05 3.30
CA THR A 309 22.38 -6.50 4.63
C THR A 309 22.95 -7.45 5.66
N THR A 310 22.85 -8.76 5.42
CA THR A 310 23.39 -9.73 6.37
C THR A 310 23.95 -10.96 5.67
N PRO A 311 24.84 -11.70 6.36
CA PRO A 311 25.43 -12.90 5.78
C PRO A 311 24.35 -13.92 5.44
N GLY A 312 23.28 -13.92 6.22
CA GLY A 312 22.19 -14.84 5.99
C GLY A 312 21.15 -14.37 4.99
N SER A 313 21.32 -13.16 4.47
CA SER A 313 20.37 -12.61 3.51
C SER A 313 20.24 -13.47 2.26
N ILE A 314 21.36 -13.86 1.67
CA ILE A 314 21.33 -14.68 0.46
C ILE A 314 20.51 -15.95 0.62
N PRO A 315 20.83 -16.79 1.63
CA PRO A 315 20.08 -18.03 1.84
C PRO A 315 18.60 -17.76 2.04
N THR A 316 18.31 -16.72 2.83
CA THR A 316 16.94 -16.34 3.11
C THR A 316 16.19 -15.92 1.85
N ILE A 317 16.83 -15.09 1.05
CA ILE A 317 16.22 -14.63 -0.19
C ILE A 317 15.96 -15.82 -1.10
N CYS A 318 16.90 -16.75 -1.13
CA CYS A 318 16.77 -17.94 -1.95
C CYS A 318 15.56 -18.77 -1.52
N ASP A 319 15.40 -18.94 -0.21
CA ASP A 319 14.28 -19.70 0.34
C ASP A 319 12.97 -18.99 0.01
N LEU A 320 12.97 -17.68 0.20
CA LEU A 320 11.80 -16.86 -0.08
C LEU A 320 11.38 -17.05 -1.54
N ALA A 321 12.32 -16.85 -2.45
CA ALA A 321 12.06 -17.00 -3.87
C ALA A 321 11.54 -18.37 -4.24
N ARG A 322 12.20 -19.41 -3.74
CA ARG A 322 11.80 -20.78 -4.06
C ARG A 322 10.43 -21.13 -3.48
N THR A 323 10.17 -20.69 -2.26
CA THR A 323 8.89 -20.97 -1.61
C THR A 323 7.75 -20.30 -2.39
N PHE A 324 8.00 -19.08 -2.84
CA PHE A 324 7.01 -18.32 -3.61
C PHE A 324 6.65 -19.12 -4.88
N ALA A 325 7.68 -19.48 -5.63
CA ALA A 325 7.50 -20.24 -6.87
C ALA A 325 6.71 -21.52 -6.66
N ARG A 326 7.10 -22.29 -5.67
CA ARG A 326 6.44 -23.56 -5.36
C ARG A 326 4.97 -23.41 -4.95
N GLU A 327 4.69 -22.42 -4.12
CA GLU A 327 3.33 -22.22 -3.63
C GLU A 327 2.38 -21.47 -4.56
N MET A 328 2.89 -20.46 -5.25
CA MET A 328 2.02 -19.69 -6.12
C MET A 328 2.27 -19.90 -7.61
N GLY A 329 2.99 -20.96 -7.93
CA GLY A 329 3.26 -21.32 -9.31
C GLY A 329 3.71 -20.20 -10.22
N MET B 2 20.62 19.78 14.32
CA MET B 2 19.31 19.67 13.60
C MET B 2 18.14 19.75 14.58
N PRO B 3 17.11 20.54 14.25
CA PRO B 3 15.95 20.66 15.15
C PRO B 3 15.24 19.32 15.28
N THR B 4 14.48 19.16 16.36
CA THR B 4 13.76 17.90 16.58
C THR B 4 12.28 18.00 16.27
N LEU B 5 11.69 16.86 15.98
CA LEU B 5 10.27 16.79 15.65
C LEU B 5 9.56 15.76 16.50
N LEU B 6 8.34 16.08 16.89
CA LEU B 6 7.54 15.15 17.66
C LEU B 6 6.28 14.86 16.87
N ARG B 7 6.12 13.62 16.44
CA ARG B 7 4.92 13.24 15.70
C ARG B 7 4.07 12.39 16.62
N VAL B 8 2.80 12.74 16.70
CA VAL B 8 1.87 12.00 17.55
C VAL B 8 0.63 11.68 16.74
N TYR B 9 0.33 10.39 16.60
CA TYR B 9 -0.84 9.96 15.85
C TYR B 9 -1.93 9.55 16.82
N ILE B 10 -3.02 10.31 16.85
CA ILE B 10 -4.14 9.97 17.74
C ILE B 10 -5.02 9.00 16.96
N ASP B 11 -5.15 7.78 17.47
CA ASP B 11 -5.95 6.78 16.77
C ASP B 11 -6.87 6.05 17.74
N GLY B 12 -7.46 4.95 17.30
CA GLY B 12 -8.36 4.21 18.17
C GLY B 12 -9.77 4.27 17.63
N PRO B 13 -10.72 3.53 18.24
CA PRO B 13 -12.09 3.56 17.75
C PRO B 13 -12.64 4.97 17.65
N HIS B 14 -13.47 5.20 16.65
CA HIS B 14 -14.09 6.51 16.47
C HIS B 14 -15.15 6.68 17.56
N GLY B 15 -15.51 7.92 17.84
CA GLY B 15 -16.54 8.20 18.83
C GLY B 15 -16.12 8.30 20.28
N MET B 16 -14.82 8.37 20.54
CA MET B 16 -14.35 8.47 21.93
C MET B 16 -14.01 9.89 22.36
N GLY B 17 -13.75 10.76 21.40
CA GLY B 17 -13.41 12.14 21.72
C GLY B 17 -12.01 12.52 21.24
N LYS B 18 -11.46 11.71 20.33
CA LYS B 18 -10.12 11.95 19.80
C LYS B 18 -9.96 13.34 19.22
N THR B 19 -10.86 13.71 18.31
CA THR B 19 -10.80 15.02 17.66
C THR B 19 -10.83 16.19 18.65
N THR B 20 -11.80 16.18 19.55
CA THR B 20 -11.91 17.23 20.53
C THR B 20 -10.63 17.36 21.36
N THR B 21 -10.15 16.23 21.86
CA THR B 21 -8.96 16.20 22.68
C THR B 21 -7.76 16.77 21.94
N THR B 22 -7.63 16.40 20.66
CA THR B 22 -6.52 16.88 19.85
C THR B 22 -6.59 18.39 19.64
N GLN B 23 -7.77 18.86 19.26
CA GLN B 23 -7.97 20.29 19.04
C GLN B 23 -7.62 21.08 20.30
N LEU B 24 -8.08 20.60 21.45
CA LEU B 24 -7.80 21.29 22.70
C LEU B 24 -6.30 21.33 23.00
N LEU B 25 -5.61 20.24 22.69
CA LEU B 25 -4.17 20.18 22.91
C LEU B 25 -3.46 21.18 22.01
N VAL B 26 -3.87 21.21 20.74
CA VAL B 26 -3.29 22.11 19.75
C VAL B 26 -3.54 23.57 20.13
N ALA B 27 -4.70 23.84 20.73
CA ALA B 27 -5.07 25.19 21.12
C ALA B 27 -4.19 25.71 22.27
N LEU B 28 -3.46 24.82 22.92
CA LEU B 28 -2.59 25.22 24.03
C LEU B 28 -1.30 25.88 23.60
N GLY B 29 -0.68 25.36 22.55
CA GLY B 29 0.57 25.92 22.08
C GLY B 29 0.43 27.11 21.15
N SER B 30 1.58 27.68 20.80
CA SER B 30 1.62 28.82 19.90
C SER B 30 1.04 28.40 18.56
N ARG B 31 0.99 29.34 17.61
CA ARG B 31 0.46 29.05 16.30
C ARG B 31 1.31 28.05 15.53
N ASP B 32 2.62 28.32 15.44
CA ASP B 32 3.51 27.45 14.68
C ASP B 32 4.50 26.57 15.45
N ASP B 33 4.15 26.18 16.67
CA ASP B 33 5.03 25.31 17.44
C ASP B 33 4.42 23.90 17.42
N ILE B 34 3.14 23.86 17.08
CA ILE B 34 2.40 22.61 16.99
C ILE B 34 1.39 22.72 15.84
N VAL B 35 1.28 21.67 15.04
CA VAL B 35 0.34 21.68 13.93
C VAL B 35 -0.50 20.42 13.93
N TYR B 36 -1.74 20.56 13.51
CA TYR B 36 -2.70 19.45 13.51
C TYR B 36 -3.02 19.01 12.11
N VAL B 37 -2.86 17.71 11.84
CA VAL B 37 -3.21 17.14 10.54
C VAL B 37 -4.54 16.46 10.85
N PRO B 38 -5.65 17.14 10.54
CA PRO B 38 -7.01 16.65 10.79
C PRO B 38 -7.50 15.47 9.96
N GLU B 39 -8.71 15.05 10.30
CA GLU B 39 -9.39 13.97 9.61
C GLU B 39 -9.64 14.52 8.20
N PRO B 40 -9.21 13.78 7.16
CA PRO B 40 -9.44 14.27 5.80
C PRO B 40 -10.86 13.99 5.30
N MET B 41 -11.85 14.50 6.02
CA MET B 41 -13.25 14.29 5.65
C MET B 41 -13.60 14.77 4.24
N THR B 42 -13.03 15.88 3.83
CA THR B 42 -13.32 16.40 2.50
C THR B 42 -12.86 15.43 1.42
N TYR B 43 -11.77 14.72 1.69
CA TYR B 43 -11.27 13.75 0.72
C TYR B 43 -12.25 12.57 0.62
N TRP B 44 -12.69 12.10 1.78
CA TRP B 44 -13.62 10.96 1.81
C TRP B 44 -15.00 11.30 1.26
N ARG B 45 -15.44 12.52 1.49
CA ARG B 45 -16.76 12.94 1.07
C ARG B 45 -16.83 13.46 -0.36
N VAL B 46 -15.77 14.08 -0.84
CA VAL B 46 -15.78 14.66 -2.18
C VAL B 46 -14.57 14.40 -3.10
N LEU B 47 -13.37 14.71 -2.62
CA LEU B 47 -12.18 14.59 -3.46
C LEU B 47 -11.82 13.19 -3.97
N GLY B 48 -11.72 12.22 -3.07
CA GLY B 48 -11.34 10.88 -3.48
C GLY B 48 -12.50 10.09 -4.06
N ALA B 49 -13.69 10.34 -3.52
CA ALA B 49 -14.89 9.66 -3.96
C ALA B 49 -16.06 10.42 -3.36
N SER B 50 -17.28 10.00 -3.68
CA SER B 50 -18.46 10.67 -3.16
C SER B 50 -19.05 9.98 -1.94
N GLU B 51 -19.15 10.72 -0.84
CA GLU B 51 -19.72 10.21 0.41
C GLU B 51 -19.24 8.80 0.77
N THR B 52 -17.93 8.62 0.88
CA THR B 52 -17.37 7.32 1.20
C THR B 52 -17.87 6.73 2.51
N ILE B 53 -17.97 7.57 3.55
CA ILE B 53 -18.44 7.12 4.85
C ILE B 53 -19.86 6.54 4.74
N ALA B 54 -20.72 7.28 4.05
CA ALA B 54 -22.11 6.87 3.86
C ALA B 54 -22.16 5.55 3.08
N ASN B 55 -21.34 5.46 2.04
CA ASN B 55 -21.27 4.28 1.20
C ASN B 55 -20.87 3.06 2.03
N ILE B 56 -19.91 3.24 2.94
CA ILE B 56 -19.45 2.15 3.80
C ILE B 56 -20.56 1.67 4.73
N TYR B 57 -21.19 2.60 5.45
CA TYR B 57 -22.25 2.24 6.37
C TYR B 57 -23.47 1.66 5.68
N THR B 58 -23.80 2.18 4.50
CA THR B 58 -24.93 1.67 3.75
C THR B 58 -24.65 0.27 3.23
N THR B 59 -23.40 0.02 2.83
CA THR B 59 -23.01 -1.30 2.33
C THR B 59 -23.09 -2.33 3.45
N GLN B 60 -22.59 -1.95 4.62
CA GLN B 60 -22.62 -2.84 5.78
C GLN B 60 -24.08 -3.13 6.15
N HIS B 61 -24.90 -2.09 6.14
CA HIS B 61 -26.32 -2.23 6.47
C HIS B 61 -26.99 -3.21 5.51
N ARG B 62 -26.85 -2.96 4.22
CA ARG B 62 -27.45 -3.83 3.21
C ARG B 62 -26.98 -5.27 3.36
N LEU B 63 -25.72 -5.44 3.74
CA LEU B 63 -25.18 -6.78 3.93
C LEU B 63 -25.90 -7.44 5.10
N ASP B 64 -26.02 -6.71 6.20
CA ASP B 64 -26.68 -7.23 7.39
C ASP B 64 -28.16 -7.53 7.14
N GLN B 65 -28.70 -6.96 6.07
CA GLN B 65 -30.10 -7.16 5.74
C GLN B 65 -30.25 -8.23 4.67
N GLY B 66 -29.12 -8.71 4.16
CA GLY B 66 -29.15 -9.74 3.13
C GLY B 66 -29.53 -9.20 1.77
N GLU B 67 -29.50 -7.88 1.62
CA GLU B 67 -29.85 -7.24 0.36
C GLU B 67 -28.73 -7.40 -0.67
N ILE B 68 -27.51 -7.66 -0.19
CA ILE B 68 -26.36 -7.87 -1.06
C ILE B 68 -25.54 -9.02 -0.50
N SER B 69 -24.71 -9.63 -1.34
CA SER B 69 -23.89 -10.75 -0.90
C SER B 69 -22.62 -10.30 -0.18
N ALA B 70 -21.93 -11.25 0.43
CA ALA B 70 -20.69 -10.97 1.13
C ALA B 70 -19.63 -10.53 0.12
N GLY B 71 -19.65 -11.14 -1.06
CA GLY B 71 -18.69 -10.80 -2.08
C GLY B 71 -18.90 -9.38 -2.59
N ASP B 72 -20.16 -8.99 -2.73
CA ASP B 72 -20.48 -7.64 -3.20
C ASP B 72 -20.04 -6.62 -2.17
N ALA B 73 -20.29 -6.91 -0.89
CA ALA B 73 -19.90 -6.00 0.17
C ALA B 73 -18.39 -5.86 0.24
N ALA B 74 -17.69 -6.98 0.09
CA ALA B 74 -16.23 -7.02 0.15
C ALA B 74 -15.54 -6.13 -0.88
N VAL B 75 -15.98 -6.18 -2.13
CA VAL B 75 -15.36 -5.36 -3.18
C VAL B 75 -15.59 -3.89 -2.86
N VAL B 76 -16.78 -3.56 -2.35
CA VAL B 76 -17.09 -2.19 -1.99
C VAL B 76 -16.24 -1.71 -0.81
N MET B 77 -16.13 -2.54 0.21
CA MET B 77 -15.36 -2.19 1.41
C MET B 77 -13.87 -2.07 1.10
N THR B 78 -13.37 -2.98 0.29
CA THR B 78 -11.96 -2.95 -0.09
C THR B 78 -11.66 -1.65 -0.81
N SER B 79 -12.44 -1.35 -1.85
CA SER B 79 -12.26 -0.11 -2.61
C SER B 79 -12.44 1.10 -1.73
N ALA B 80 -13.43 1.06 -0.84
CA ALA B 80 -13.67 2.19 0.06
C ALA B 80 -12.49 2.47 1.00
N GLN B 81 -11.86 1.41 1.51
CA GLN B 81 -10.73 1.57 2.42
C GLN B 81 -9.50 2.13 1.71
N ILE B 82 -9.42 1.93 0.40
CA ILE B 82 -8.31 2.47 -0.37
C ILE B 82 -8.49 3.99 -0.36
N THR B 83 -9.73 4.42 -0.58
CA THR B 83 -10.06 5.84 -0.59
C THR B 83 -9.83 6.43 0.80
N MET B 84 -10.27 5.73 1.83
CA MET B 84 -10.12 6.19 3.20
C MET B 84 -8.65 6.43 3.59
N GLY B 85 -7.78 5.49 3.24
CA GLY B 85 -6.38 5.61 3.62
C GLY B 85 -5.47 6.44 2.74
N MET B 86 -5.95 6.82 1.55
CA MET B 86 -5.13 7.59 0.62
C MET B 86 -4.47 8.82 1.25
N PRO B 87 -5.24 9.68 1.94
CA PRO B 87 -4.62 10.85 2.57
C PRO B 87 -3.52 10.50 3.56
N TYR B 88 -3.74 9.46 4.37
CA TYR B 88 -2.72 9.05 5.35
C TYR B 88 -1.49 8.54 4.64
N ALA B 89 -1.70 7.74 3.59
CA ALA B 89 -0.61 7.17 2.83
C ALA B 89 0.26 8.22 2.13
N VAL B 90 -0.36 9.18 1.45
CA VAL B 90 0.41 10.20 0.77
C VAL B 90 1.16 11.07 1.76
N THR B 91 0.51 11.39 2.88
CA THR B 91 1.14 12.21 3.90
C THR B 91 2.40 11.54 4.42
N ASP B 92 2.29 10.25 4.72
CA ASP B 92 3.42 9.49 5.22
C ASP B 92 4.54 9.45 4.17
N ALA B 93 4.17 9.20 2.93
CA ALA B 93 5.16 9.09 1.85
C ALA B 93 5.98 10.37 1.64
N VAL B 94 5.33 11.53 1.72
CA VAL B 94 6.05 12.78 1.52
C VAL B 94 6.77 13.25 2.78
N LEU B 95 6.31 12.79 3.93
CA LEU B 95 6.92 13.15 5.19
C LEU B 95 8.19 12.34 5.45
N ALA B 96 8.17 11.07 5.02
CA ALA B 96 9.28 10.15 5.22
C ALA B 96 10.69 10.70 4.99
N PRO B 97 10.95 11.35 3.84
CA PRO B 97 12.29 11.90 3.56
C PRO B 97 12.78 12.92 4.60
N HIS B 98 11.85 13.53 5.32
CA HIS B 98 12.20 14.54 6.31
C HIS B 98 12.52 14.00 7.69
N ILE B 99 12.15 12.74 7.94
CA ILE B 99 12.37 12.13 9.25
C ILE B 99 13.73 11.46 9.40
N GLY B 100 14.48 11.87 10.41
CA GLY B 100 15.78 11.29 10.67
C GLY B 100 15.71 10.31 11.83
N GLY B 101 16.83 10.05 12.48
CA GLY B 101 16.85 9.13 13.61
C GLY B 101 16.15 9.70 14.83
N GLU B 102 15.84 8.84 15.79
CA GLU B 102 15.16 9.27 17.02
C GLU B 102 16.10 10.08 17.92
N ALA B 103 15.59 11.19 18.43
CA ALA B 103 16.36 12.08 19.30
C ALA B 103 15.96 11.90 20.76
N PRO B 109 14.12 18.20 26.26
CA PRO B 109 14.61 18.73 24.97
C PRO B 109 13.41 19.14 24.12
N PRO B 110 13.03 20.43 24.18
CA PRO B 110 11.89 20.90 23.38
C PRO B 110 12.00 20.70 21.87
N PRO B 111 11.02 20.01 21.28
CA PRO B 111 11.01 19.77 19.83
C PRO B 111 10.71 21.10 19.10
N ALA B 112 11.38 21.38 17.97
CA ALA B 112 11.13 22.61 17.20
C ALA B 112 9.70 22.58 16.68
N LEU B 113 9.14 21.38 16.57
CA LEU B 113 7.79 21.23 16.05
C LEU B 113 7.10 19.94 16.49
N THR B 114 5.81 20.07 16.78
CA THR B 114 5.01 18.91 17.15
C THR B 114 3.91 18.79 16.12
N LEU B 115 3.78 17.61 15.54
CA LEU B 115 2.76 17.32 14.54
C LEU B 115 1.82 16.30 15.12
N ILE B 116 0.56 16.68 15.30
CA ILE B 116 -0.42 15.77 15.83
C ILE B 116 -1.33 15.33 14.69
N PHE B 117 -1.39 14.02 14.45
CA PHE B 117 -2.20 13.47 13.38
C PHE B 117 -3.50 12.87 13.86
N ASP B 118 -4.52 13.08 13.07
CA ASP B 118 -5.81 12.45 13.34
C ASP B 118 -5.73 11.12 12.65
N ARG B 119 -5.25 10.11 13.36
CA ARG B 119 -5.09 8.74 12.84
C ARG B 119 -3.79 8.50 12.08
N HIS B 120 -3.39 7.24 12.08
CA HIS B 120 -2.18 6.75 11.42
C HIS B 120 -2.65 5.85 10.26
N PRO B 121 -1.78 5.62 9.26
CA PRO B 121 -2.13 4.79 8.11
C PRO B 121 -2.71 3.41 8.46
N ILE B 122 -2.26 2.82 9.57
CA ILE B 122 -2.77 1.51 9.95
C ILE B 122 -4.26 1.53 10.26
N ALA B 123 -4.82 2.72 10.48
CA ALA B 123 -6.25 2.79 10.76
C ALA B 123 -7.01 2.29 9.54
N ALA B 124 -6.67 2.83 8.37
CA ALA B 124 -7.33 2.47 7.13
C ALA B 124 -6.74 1.24 6.44
N LEU B 125 -5.49 0.91 6.76
CA LEU B 125 -4.83 -0.23 6.13
C LEU B 125 -4.84 -1.49 6.99
N LEU B 126 -5.26 -1.37 8.24
CA LEU B 126 -5.26 -2.54 9.10
C LEU B 126 -6.47 -2.67 10.01
N CYS B 127 -6.64 -1.69 10.88
CA CYS B 127 -7.70 -1.71 11.88
C CYS B 127 -9.12 -1.77 11.38
N TYR B 128 -9.52 -0.83 10.53
CA TYR B 128 -10.88 -0.90 10.04
C TYR B 128 -11.09 -2.08 9.10
N PRO B 129 -10.08 -2.39 8.27
CA PRO B 129 -10.27 -3.56 7.38
C PRO B 129 -10.46 -4.81 8.23
N ALA B 130 -9.70 -4.92 9.31
CA ALA B 130 -9.77 -6.07 10.21
C ALA B 130 -11.15 -6.13 10.86
N ALA B 131 -11.70 -4.97 11.22
CA ALA B 131 -13.02 -4.91 11.85
C ALA B 131 -14.09 -5.30 10.83
N ARG B 132 -13.93 -4.84 9.59
CA ARG B 132 -14.88 -5.19 8.54
C ARG B 132 -14.83 -6.70 8.33
N TYR B 133 -13.63 -7.26 8.45
CA TYR B 133 -13.47 -8.70 8.30
C TYR B 133 -14.31 -9.43 9.35
N LEU B 134 -14.23 -8.96 10.60
CA LEU B 134 -14.99 -9.57 11.69
C LEU B 134 -16.49 -9.40 11.46
N MET B 135 -16.85 -8.39 10.67
CA MET B 135 -18.25 -8.12 10.37
C MET B 135 -18.70 -8.81 9.10
N GLY B 136 -17.81 -9.57 8.49
CA GLY B 136 -18.12 -10.30 7.28
C GLY B 136 -18.14 -9.49 5.99
N SER B 137 -17.71 -8.24 6.04
CA SER B 137 -17.71 -7.40 4.86
C SER B 137 -16.36 -7.22 4.17
N MET B 138 -15.40 -8.05 4.56
CA MET B 138 -14.08 -8.01 3.93
C MET B 138 -13.45 -9.38 4.10
N THR B 139 -12.71 -9.83 3.09
CA THR B 139 -12.06 -11.12 3.17
C THR B 139 -10.74 -10.97 3.91
N PRO B 140 -10.30 -12.03 4.58
CA PRO B 140 -9.03 -11.94 5.31
C PRO B 140 -7.84 -11.75 4.36
N GLN B 141 -7.98 -12.20 3.12
CA GLN B 141 -6.90 -12.03 2.16
C GLN B 141 -6.74 -10.55 1.82
N ALA B 142 -7.86 -9.85 1.68
CA ALA B 142 -7.81 -8.42 1.38
C ALA B 142 -7.19 -7.68 2.55
N VAL B 143 -7.51 -8.11 3.77
CA VAL B 143 -6.94 -7.47 4.96
C VAL B 143 -5.42 -7.61 4.91
N LEU B 144 -4.94 -8.82 4.64
CA LEU B 144 -3.50 -9.04 4.58
C LEU B 144 -2.85 -8.32 3.40
N ALA B 145 -3.59 -8.08 2.32
CA ALA B 145 -3.03 -7.34 1.20
C ALA B 145 -2.80 -5.91 1.69
N PHE B 146 -3.74 -5.38 2.46
CA PHE B 146 -3.62 -4.04 3.01
C PHE B 146 -2.43 -3.99 3.97
N VAL B 147 -2.29 -5.03 4.78
CA VAL B 147 -1.19 -5.12 5.73
C VAL B 147 0.14 -5.07 4.98
N ALA B 148 0.25 -5.83 3.89
CA ALA B 148 1.49 -5.87 3.12
C ALA B 148 1.80 -4.51 2.48
N LEU B 149 0.79 -3.66 2.39
CA LEU B 149 0.97 -2.34 1.80
C LEU B 149 1.25 -1.24 2.83
N ILE B 150 1.18 -1.57 4.12
CA ILE B 150 1.45 -0.59 5.16
C ILE B 150 2.87 -0.04 4.94
N PRO B 151 3.01 1.29 4.87
CA PRO B 151 4.33 1.87 4.65
C PRO B 151 5.30 1.60 5.80
N PRO B 152 6.62 1.54 5.50
CA PRO B 152 7.63 1.28 6.53
C PRO B 152 7.42 2.23 7.69
N THR B 153 7.48 1.71 8.91
CA THR B 153 7.26 2.53 10.09
C THR B 153 8.43 3.47 10.34
N LEU B 154 8.15 4.76 10.26
CA LEU B 154 9.16 5.79 10.46
C LEU B 154 9.56 5.90 11.93
N PRO B 155 10.82 6.29 12.18
CA PRO B 155 11.29 6.43 13.56
C PRO B 155 10.39 7.43 14.28
N GLY B 156 10.25 7.27 15.60
CA GLY B 156 9.44 8.20 16.37
C GLY B 156 7.94 8.14 16.08
N THR B 157 7.45 6.98 15.69
CA THR B 157 6.03 6.83 15.42
C THR B 157 5.31 6.63 16.75
N ASN B 158 4.79 7.71 17.31
CA ASN B 158 4.08 7.65 18.59
C ASN B 158 2.60 7.56 18.32
N ILE B 159 1.98 6.45 18.71
CA ILE B 159 0.56 6.31 18.48
C ILE B 159 -0.20 6.28 19.79
N VAL B 160 -1.22 7.12 19.90
CA VAL B 160 -2.02 7.19 21.10
C VAL B 160 -3.37 6.52 20.84
N LEU B 161 -3.64 5.43 21.56
CA LEU B 161 -4.89 4.72 21.40
C LEU B 161 -5.81 5.14 22.56
N GLY B 162 -7.10 4.91 22.41
CA GLY B 162 -8.01 5.32 23.45
C GLY B 162 -8.73 4.23 24.22
N ALA B 163 -8.92 4.48 25.51
CA ALA B 163 -9.61 3.56 26.40
C ALA B 163 -10.89 4.26 26.86
N LEU B 164 -12.00 3.55 26.80
CA LEU B 164 -13.29 4.09 27.21
C LEU B 164 -14.26 2.94 27.43
N PRO B 165 -14.94 2.91 28.59
CA PRO B 165 -15.90 1.84 28.87
C PRO B 165 -16.90 1.73 27.73
N GLU B 166 -17.24 0.51 27.34
CA GLU B 166 -18.17 0.31 26.23
C GLU B 166 -19.49 1.06 26.42
N ASP B 167 -20.06 1.01 27.62
CA ASP B 167 -21.32 1.70 27.90
C ASP B 167 -21.19 3.19 27.62
N ARG B 168 -20.12 3.80 28.12
CA ARG B 168 -19.87 5.21 27.89
C ARG B 168 -19.65 5.47 26.41
N HIS B 169 -18.92 4.56 25.76
CA HIS B 169 -18.65 4.70 24.33
C HIS B 169 -19.95 4.65 23.54
N ILE B 170 -20.79 3.66 23.84
CA ILE B 170 -22.07 3.51 23.18
C ILE B 170 -22.94 4.76 23.37
N ASP B 171 -22.98 5.27 24.60
CA ASP B 171 -23.77 6.46 24.90
C ASP B 171 -23.26 7.64 24.08
N ARG B 172 -21.95 7.87 24.15
CA ARG B 172 -21.33 8.96 23.44
C ARG B 172 -21.60 8.86 21.95
N LEU B 173 -21.70 7.64 21.46
CA LEU B 173 -21.94 7.39 20.05
C LEU B 173 -23.44 7.47 19.71
N ALA B 174 -24.28 7.05 20.65
CA ALA B 174 -25.73 7.06 20.45
C ALA B 174 -26.29 8.47 20.38
N LYS B 175 -25.43 9.47 20.43
CA LYS B 175 -25.86 10.86 20.36
C LYS B 175 -25.22 11.55 19.16
N ARG B 176 -23.89 11.54 19.14
CA ARG B 176 -23.15 12.17 18.06
C ARG B 176 -22.90 11.25 16.88
N PRO B 179 -22.15 13.42 7.04
CA PRO B 179 -21.29 12.29 7.39
C PRO B 179 -21.72 10.97 6.76
N GLY B 180 -23.01 10.66 6.88
CA GLY B 180 -23.54 9.44 6.30
C GLY B 180 -23.24 8.20 7.11
N GLU B 181 -23.02 8.37 8.41
CA GLU B 181 -22.73 7.24 9.29
C GLU B 181 -24.00 6.67 9.91
N ARG B 182 -23.94 5.41 10.34
CA ARG B 182 -25.08 4.74 10.96
C ARG B 182 -24.66 4.09 12.26
N LEU B 183 -25.59 4.01 13.21
CA LEU B 183 -25.32 3.42 14.52
C LEU B 183 -25.25 1.89 14.48
N ASP B 184 -24.03 1.37 14.33
CA ASP B 184 -23.82 -0.07 14.29
C ASP B 184 -23.08 -0.52 15.53
N LEU B 185 -23.79 -1.18 16.45
CA LEU B 185 -23.20 -1.65 17.69
C LEU B 185 -22.22 -2.81 17.45
N ALA B 186 -22.45 -3.57 16.39
CA ALA B 186 -21.58 -4.70 16.08
C ALA B 186 -20.23 -4.20 15.55
N MET B 187 -20.26 -3.13 14.77
CA MET B 187 -19.04 -2.54 14.23
C MET B 187 -18.27 -1.88 15.37
N LEU B 188 -18.99 -1.27 16.29
CA LEU B 188 -18.34 -0.63 17.43
C LEU B 188 -17.59 -1.68 18.23
N ALA B 189 -18.24 -2.80 18.49
CA ALA B 189 -17.62 -3.89 19.23
C ALA B 189 -16.41 -4.42 18.47
N ALA B 190 -16.55 -4.60 17.17
CA ALA B 190 -15.46 -5.10 16.35
C ALA B 190 -14.27 -4.15 16.30
N ILE B 191 -14.50 -2.85 16.11
CA ILE B 191 -13.39 -1.91 16.05
C ILE B 191 -12.74 -1.77 17.43
N ARG B 192 -13.55 -1.83 18.47
CA ARG B 192 -13.01 -1.76 19.83
C ARG B 192 -12.15 -3.00 20.07
N ARG B 193 -12.59 -4.14 19.56
CA ARG B 193 -11.80 -5.36 19.76
C ARG B 193 -10.50 -5.31 18.96
N VAL B 194 -10.57 -4.84 17.72
CA VAL B 194 -9.38 -4.76 16.88
C VAL B 194 -8.31 -3.85 17.49
N TYR B 195 -8.72 -2.69 17.99
CA TYR B 195 -7.75 -1.77 18.59
C TYR B 195 -7.20 -2.32 19.90
N GLY B 196 -8.00 -3.12 20.59
CA GLY B 196 -7.54 -3.73 21.81
C GLY B 196 -6.47 -4.75 21.43
N LEU B 197 -6.76 -5.55 20.41
CA LEU B 197 -5.80 -6.54 19.94
C LEU B 197 -4.53 -5.85 19.45
N LEU B 198 -4.69 -4.72 18.77
CA LEU B 198 -3.55 -3.97 18.24
C LEU B 198 -2.60 -3.57 19.36
N ALA B 199 -3.14 -3.04 20.46
CA ALA B 199 -2.30 -2.62 21.57
C ALA B 199 -1.53 -3.82 22.11
N ASN B 200 -2.22 -4.94 22.29
CA ASN B 200 -1.58 -6.15 22.79
C ASN B 200 -0.51 -6.66 21.82
N THR B 201 -0.76 -6.51 20.53
CA THR B 201 0.17 -6.98 19.52
C THR B 201 1.49 -6.22 19.61
N VAL B 202 1.41 -4.91 19.80
CA VAL B 202 2.60 -4.09 19.92
C VAL B 202 3.40 -4.52 21.15
N ARG B 203 2.69 -4.71 22.26
CA ARG B 203 3.34 -5.12 23.50
C ARG B 203 3.95 -6.52 23.33
N TYR B 204 3.21 -7.39 22.65
CA TYR B 204 3.66 -8.75 22.39
C TYR B 204 4.98 -8.75 21.62
N LEU B 205 5.04 -7.92 20.58
CA LEU B 205 6.24 -7.84 19.76
C LEU B 205 7.41 -7.20 20.48
N GLN B 206 7.14 -6.18 21.27
CA GLN B 206 8.20 -5.50 21.98
C GLN B 206 8.71 -6.32 23.16
N CYS B 207 7.94 -7.32 23.56
CA CYS B 207 8.36 -8.21 24.64
C CYS B 207 9.08 -9.40 24.04
N GLY B 208 9.37 -9.33 22.74
CA GLY B 208 10.08 -10.41 22.07
C GLY B 208 9.22 -11.54 21.52
N GLY B 209 7.92 -11.31 21.41
CA GLY B 209 7.03 -12.34 20.90
C GLY B 209 7.24 -12.66 19.43
N SER B 210 7.28 -13.95 19.12
CA SER B 210 7.45 -14.43 17.76
C SER B 210 6.18 -15.17 17.36
N TRP B 211 5.37 -14.57 16.50
CA TRP B 211 4.11 -15.21 16.11
C TRP B 211 4.32 -16.59 15.52
N ARG B 212 5.39 -16.78 14.74
CA ARG B 212 5.66 -18.07 14.13
C ARG B 212 5.92 -19.11 15.21
N GLU B 213 6.54 -18.69 16.31
CA GLU B 213 6.83 -19.59 17.41
C GLU B 213 5.58 -19.96 18.19
N ASP B 214 4.69 -18.99 18.38
CA ASP B 214 3.47 -19.23 19.16
C ASP B 214 2.22 -19.58 18.34
N TRP B 215 2.34 -19.65 17.03
CA TRP B 215 1.18 -19.94 16.18
C TRP B 215 0.37 -21.13 16.69
N GLY B 216 1.06 -22.20 17.07
CA GLY B 216 0.39 -23.39 17.56
C GLY B 216 -0.45 -23.16 18.81
N GLN B 217 -0.08 -22.14 19.58
CA GLN B 217 -0.83 -21.84 20.79
C GLN B 217 -2.17 -21.27 20.36
N LEU B 218 -2.31 -21.10 19.05
CA LEU B 218 -3.51 -20.58 18.44
C LEU B 218 -4.35 -21.74 17.87
N SER B 219 -5.26 -22.20 18.68
CA SER B 219 -6.22 -23.19 18.31
C SER B 219 -7.52 -22.59 18.78
N GLY B 220 -8.15 -23.19 19.77
CA GLY B 220 -9.37 -22.62 20.31
C GLY B 220 -9.08 -21.38 21.14
N PRO B 230 -6.10 -4.49 27.83
CA PRO B 230 -5.04 -4.20 26.86
C PRO B 230 -4.23 -2.95 27.21
N GLN B 231 -2.94 -2.99 26.91
CA GLN B 231 -2.05 -1.88 27.19
C GLN B 231 -0.67 -2.15 26.61
N SER B 232 0.06 -1.10 26.28
CA SER B 232 1.41 -1.26 25.75
C SER B 232 2.36 -0.41 26.58
N ASN B 233 3.65 -0.56 26.31
CA ASN B 233 4.66 0.17 27.05
C ASN B 233 4.61 -0.30 28.51
N ALA B 234 3.73 -1.26 28.78
CA ALA B 234 3.58 -1.79 30.13
C ALA B 234 2.86 -3.13 30.19
N GLY B 235 3.13 -3.89 31.25
CA GLY B 235 2.49 -5.19 31.42
C GLY B 235 3.31 -6.36 30.94
N PRO B 236 2.86 -7.58 31.24
CA PRO B 236 3.58 -8.78 30.82
C PRO B 236 3.29 -9.06 29.34
N ARG B 237 4.01 -10.00 28.75
CA ARG B 237 3.79 -10.34 27.36
C ARG B 237 2.42 -10.99 27.18
N PRO B 238 1.61 -10.44 26.26
CA PRO B 238 0.28 -10.98 26.01
C PRO B 238 0.36 -12.36 25.34
N HIS B 239 -0.70 -13.14 25.47
CA HIS B 239 -0.79 -14.45 24.82
C HIS B 239 -1.09 -14.09 23.36
N ILE B 240 -0.55 -14.85 22.41
CA ILE B 240 -0.79 -14.59 21.00
C ILE B 240 -2.28 -14.53 20.67
N GLY B 241 -3.08 -15.29 21.42
CA GLY B 241 -4.52 -15.30 21.20
C GLY B 241 -5.17 -13.97 21.50
N ASP B 242 -4.43 -13.07 22.15
CA ASP B 242 -4.95 -11.76 22.48
C ASP B 242 -4.33 -10.67 21.61
N THR B 243 -3.75 -11.09 20.49
CA THR B 243 -3.12 -10.16 19.56
C THR B 243 -3.81 -10.29 18.20
N LEU B 244 -3.45 -9.40 17.28
CA LEU B 244 -4.02 -9.40 15.94
C LEU B 244 -3.77 -10.68 15.16
N PHE B 245 -2.72 -11.41 15.53
CA PHE B 245 -2.39 -12.66 14.85
C PHE B 245 -3.52 -13.68 14.96
N THR B 246 -4.28 -13.59 16.03
CA THR B 246 -5.38 -14.54 16.24
C THR B 246 -6.47 -14.43 15.19
N LEU B 247 -6.59 -13.28 14.56
CA LEU B 247 -7.61 -13.07 13.55
C LEU B 247 -7.37 -13.79 12.24
N PHE B 248 -6.11 -14.13 11.96
CA PHE B 248 -5.76 -14.76 10.70
C PHE B 248 -5.65 -16.28 10.70
N ARG B 249 -6.50 -16.92 11.49
CA ARG B 249 -6.53 -18.37 11.55
C ARG B 249 -7.69 -18.85 10.68
N ALA B 250 -8.24 -17.93 9.89
CA ALA B 250 -9.34 -18.22 9.01
C ALA B 250 -9.01 -19.36 8.05
N PRO B 251 -9.97 -20.27 7.82
CA PRO B 251 -9.74 -21.40 6.91
C PRO B 251 -9.28 -20.98 5.52
N GLU B 252 -9.70 -19.80 5.08
CA GLU B 252 -9.32 -19.30 3.76
C GLU B 252 -7.81 -19.14 3.63
N LEU B 253 -7.15 -18.88 4.75
CA LEU B 253 -5.70 -18.67 4.75
C LEU B 253 -4.89 -19.93 5.03
N LEU B 254 -5.58 -21.01 5.38
CA LEU B 254 -4.90 -22.26 5.70
C LEU B 254 -4.82 -23.24 4.55
N ALA B 255 -3.67 -23.89 4.42
CA ALA B 255 -3.45 -24.89 3.39
C ALA B 255 -4.02 -26.20 3.87
N PRO B 256 -4.14 -27.20 2.98
CA PRO B 256 -4.68 -28.50 3.38
C PRO B 256 -4.09 -29.07 4.66
N ASN B 257 -2.78 -28.89 4.87
CA ASN B 257 -2.13 -29.41 6.06
C ASN B 257 -2.37 -28.60 7.33
N GLY B 258 -3.28 -27.63 7.27
CA GLY B 258 -3.57 -26.81 8.44
C GLY B 258 -2.69 -25.58 8.64
N ASP B 259 -1.57 -25.51 7.93
CA ASP B 259 -0.68 -24.35 8.07
C ASP B 259 -1.11 -23.18 7.20
N LEU B 260 -0.60 -22.00 7.52
CA LEU B 260 -0.89 -20.80 6.74
C LEU B 260 -0.12 -20.90 5.44
N TYR B 261 -0.74 -20.43 4.36
CA TYR B 261 -0.01 -20.42 3.10
C TYR B 261 1.13 -19.45 3.36
N ASN B 262 2.27 -19.69 2.73
CA ASN B 262 3.42 -18.82 2.95
C ASN B 262 3.18 -17.37 2.62
N VAL B 263 2.37 -17.11 1.60
CA VAL B 263 2.09 -15.73 1.21
C VAL B 263 1.42 -14.97 2.34
N PHE B 264 0.52 -15.63 3.07
CA PHE B 264 -0.16 -14.96 4.18
C PHE B 264 0.75 -14.89 5.40
N ALA B 265 1.62 -15.88 5.56
CA ALA B 265 2.56 -15.90 6.67
C ALA B 265 3.53 -14.73 6.52
N TRP B 266 3.92 -14.44 5.28
CA TRP B 266 4.82 -13.33 5.04
C TRP B 266 4.12 -12.01 5.34
N ALA B 267 2.81 -11.97 5.11
CA ALA B 267 2.06 -10.75 5.39
C ALA B 267 2.04 -10.54 6.91
N LEU B 268 2.07 -11.64 7.67
CA LEU B 268 2.09 -11.51 9.12
C LEU B 268 3.48 -11.07 9.55
N ASP B 269 4.51 -11.51 8.84
CA ASP B 269 5.87 -11.09 9.16
C ASP B 269 5.95 -9.58 8.97
N VAL B 270 5.27 -9.08 7.95
CA VAL B 270 5.27 -7.64 7.68
C VAL B 270 4.51 -6.93 8.79
N LEU B 271 3.38 -7.51 9.20
CA LEU B 271 2.59 -6.91 10.26
C LEU B 271 3.49 -6.76 11.50
N ALA B 272 4.25 -7.81 11.82
CA ALA B 272 5.13 -7.79 12.98
C ALA B 272 6.19 -6.69 12.86
N LYS B 273 6.84 -6.62 11.70
CA LYS B 273 7.86 -5.62 11.45
C LYS B 273 7.32 -4.19 11.60
N ARG B 274 6.19 -3.90 10.97
CA ARG B 274 5.61 -2.57 11.03
C ARG B 274 5.18 -2.12 12.43
N LEU B 275 4.59 -3.03 13.20
CA LEU B 275 4.12 -2.69 14.54
C LEU B 275 5.17 -2.70 15.65
N ARG B 276 6.15 -3.57 15.55
CA ARG B 276 7.14 -3.69 16.61
C ARG B 276 7.95 -2.45 16.93
N SER B 277 8.10 -1.53 15.97
CA SER B 277 8.90 -0.34 16.23
C SER B 277 8.07 0.88 16.64
N MET B 278 6.75 0.69 16.73
CA MET B 278 5.87 1.79 17.13
C MET B 278 5.89 1.99 18.64
N HIS B 279 5.62 3.22 19.07
CA HIS B 279 5.57 3.55 20.48
C HIS B 279 4.11 3.81 20.75
N VAL B 280 3.46 2.86 21.43
CA VAL B 280 2.05 2.97 21.71
C VAL B 280 1.77 3.45 23.12
N PHE B 281 0.79 4.35 23.25
CA PHE B 281 0.39 4.89 24.53
C PHE B 281 -1.12 4.77 24.61
N ILE B 282 -1.66 4.71 25.83
CA ILE B 282 -3.09 4.58 25.99
C ILE B 282 -3.64 5.79 26.72
N LEU B 283 -4.63 6.43 26.11
CA LEU B 283 -5.24 7.61 26.69
C LEU B 283 -6.63 7.26 27.21
N ASP B 284 -6.90 7.61 28.46
CA ASP B 284 -8.19 7.36 29.08
C ASP B 284 -9.16 8.47 28.70
N TYR B 285 -10.10 8.19 27.81
CA TYR B 285 -11.07 9.18 27.37
C TYR B 285 -12.29 9.30 28.28
N ASP B 286 -12.30 8.55 29.38
CA ASP B 286 -13.44 8.58 30.29
C ASP B 286 -13.35 9.73 31.29
N GLN B 287 -13.33 10.94 30.75
CA GLN B 287 -13.25 12.15 31.55
C GLN B 287 -13.64 13.33 30.68
N SER B 288 -13.70 14.52 31.28
CA SER B 288 -14.09 15.72 30.56
C SER B 288 -13.10 16.06 29.44
N PRO B 289 -13.50 16.92 28.50
CA PRO B 289 -12.63 17.32 27.39
C PRO B 289 -11.31 17.91 27.89
N ALA B 290 -11.39 18.82 28.84
CA ALA B 290 -10.19 19.44 29.40
C ALA B 290 -9.34 18.36 30.08
N GLY B 291 -10.02 17.39 30.68
CA GLY B 291 -9.33 16.30 31.35
C GLY B 291 -8.51 15.49 30.36
N CYS B 292 -9.15 15.10 29.25
CA CYS B 292 -8.47 14.33 28.22
C CYS B 292 -7.28 15.09 27.69
N ARG B 293 -7.46 16.39 27.45
CA ARG B 293 -6.40 17.23 26.95
C ARG B 293 -5.17 17.16 27.86
N ASP B 294 -5.38 17.40 29.15
CA ASP B 294 -4.28 17.36 30.09
C ASP B 294 -3.63 15.98 30.19
N ALA B 295 -4.45 14.92 30.14
CA ALA B 295 -3.92 13.57 30.20
C ALA B 295 -3.03 13.36 28.96
N LEU B 296 -3.50 13.80 27.79
CA LEU B 296 -2.73 13.63 26.57
C LEU B 296 -1.44 14.45 26.66
N LEU B 297 -1.53 15.64 27.22
CA LEU B 297 -0.35 16.49 27.37
C LEU B 297 0.71 15.78 28.21
N GLN B 298 0.27 15.17 29.31
CA GLN B 298 1.18 14.45 30.20
C GLN B 298 1.80 13.28 29.46
N LEU B 299 1.00 12.59 28.65
CA LEU B 299 1.44 11.46 27.85
C LEU B 299 2.57 11.81 26.87
N THR B 300 2.49 12.99 26.24
CA THR B 300 3.49 13.40 25.27
C THR B 300 4.88 13.56 25.87
N SER B 301 4.95 13.63 27.19
CA SER B 301 6.23 13.78 27.88
C SER B 301 7.13 12.58 27.68
N GLY B 302 6.54 11.40 27.50
CA GLY B 302 7.34 10.20 27.30
C GLY B 302 7.41 9.72 25.87
N MET B 303 7.03 10.57 24.92
CA MET B 303 7.06 10.20 23.52
C MET B 303 8.41 10.44 22.86
N VAL B 304 8.65 9.72 21.77
CA VAL B 304 9.91 9.80 21.05
C VAL B 304 9.97 10.84 19.94
N GLN B 305 10.98 11.71 20.03
CA GLN B 305 11.19 12.75 19.04
C GLN B 305 12.23 12.24 18.05
N THR B 306 12.34 12.91 16.90
CA THR B 306 13.32 12.54 15.89
C THR B 306 13.95 13.81 15.34
N HIS B 307 15.13 13.66 14.74
CA HIS B 307 15.80 14.79 14.12
C HIS B 307 15.18 14.85 12.73
N VAL B 308 15.24 16.02 12.09
CA VAL B 308 14.72 16.14 10.73
C VAL B 308 15.95 16.02 9.84
N THR B 309 15.74 15.69 8.57
CA THR B 309 16.86 15.50 7.66
C THR B 309 17.51 16.78 7.11
N THR B 310 16.78 17.88 7.12
CA THR B 310 17.32 19.14 6.61
C THR B 310 16.88 20.33 7.44
N PRO B 311 17.63 21.45 7.36
CA PRO B 311 17.32 22.68 8.09
C PRO B 311 15.96 23.24 7.68
N GLY B 312 15.58 23.02 6.43
CA GLY B 312 14.31 23.51 5.93
C GLY B 312 13.16 22.53 6.10
N SER B 313 13.44 21.37 6.70
CA SER B 313 12.41 20.35 6.91
C SER B 313 11.25 20.84 7.77
N ILE B 314 11.57 21.54 8.86
CA ILE B 314 10.54 22.04 9.76
C ILE B 314 9.51 22.92 9.04
N PRO B 315 9.97 24.02 8.42
CA PRO B 315 8.99 24.87 7.73
C PRO B 315 8.23 24.12 6.63
N THR B 316 8.92 23.20 5.97
CA THR B 316 8.30 22.42 4.91
C THR B 316 7.19 21.55 5.49
N ILE B 317 7.46 20.95 6.65
CA ILE B 317 6.50 20.10 7.32
C ILE B 317 5.28 20.90 7.75
N CYS B 318 5.50 22.11 8.28
CA CYS B 318 4.39 22.95 8.70
C CYS B 318 3.48 23.27 7.52
N ASP B 319 4.10 23.64 6.40
CA ASP B 319 3.34 23.96 5.20
C ASP B 319 2.53 22.77 4.75
N LEU B 320 3.16 21.60 4.78
CA LEU B 320 2.51 20.35 4.39
C LEU B 320 1.27 20.12 5.26
N ALA B 321 1.44 20.26 6.57
CA ALA B 321 0.34 20.05 7.51
C ALA B 321 -0.78 21.06 7.30
N ARG B 322 -0.43 22.34 7.17
CA ARG B 322 -1.43 23.38 6.96
C ARG B 322 -2.14 23.23 5.62
N THR B 323 -1.39 22.82 4.61
CA THR B 323 -1.97 22.63 3.29
C THR B 323 -2.97 21.48 3.37
N PHE B 324 -2.57 20.40 4.01
CA PHE B 324 -3.41 19.23 4.19
C PHE B 324 -4.69 19.64 4.93
N ALA B 325 -4.54 20.32 6.06
CA ALA B 325 -5.70 20.72 6.87
C ALA B 325 -6.68 21.59 6.08
N ARG B 326 -6.16 22.58 5.39
CA ARG B 326 -6.98 23.49 4.60
C ARG B 326 -7.74 22.80 3.48
N GLU B 327 -7.06 21.90 2.77
CA GLU B 327 -7.68 21.22 1.66
C GLU B 327 -8.57 20.03 1.98
N MET B 328 -8.17 19.21 2.94
CA MET B 328 -8.97 18.03 3.27
C MET B 328 -9.66 18.04 4.62
N GLY B 329 -9.39 19.05 5.43
CA GLY B 329 -10.03 19.14 6.74
C GLY B 329 -11.39 19.78 6.62
N GLU B 330 -12.30 19.39 7.52
CA GLU B 330 -13.66 19.91 7.54
C GLU B 330 -13.71 21.41 7.75
#